data_7QJM
#
_entry.id   7QJM
#
_cell.length_a   90.68
_cell.length_b   124.91
_cell.length_c   169.99
_cell.angle_alpha   90
_cell.angle_beta   90
_cell.angle_gamma   90
#
_symmetry.space_group_name_H-M   'I 2 2 2'
#
loop_
_entity.id
_entity.type
_entity.pdbx_description
1 polymer 'alpha/beta-hydrolase (202)'
2 water water
#
_entity_poly.entity_id   1
_entity_poly.type   'polypeptide(L)'
_entity_poly.pdbx_seq_one_letter_code
;MVDITGNGMAATAPTDERIVDKPLPQPQIRSGNVRAMPAARKLAQEHGIDLSTLTGSGPGGVIVKEDVERAITARAVPVS
PLQRVNFYSAGYRLDGLLYTPRHLPAGERRPGVVLLVGYTYLKTMVMPDIAKVLNAAGYVALVFDYRGFGESEGPRGRLI
PLEQVADARAALTFLAEQSMVDPDRLAVIGISLGGAHAITTAALDQRVRAVVALEPPGHGARWLRSLRRHWEWRQFLSRL
AEDRRQRVLSGGSTMVDPLEIVLPDPESQAFLDQVAAEFPQMKVTLPLESAEALIEYVSEDLAGRIAPRPLLIIHSDADQ
LVPVAEAQAIAERAGSSAQLEIIPGMSHFNWVMPGSPGFTRVTDSIVKFLRNTLPVSADNLEHHHHHH
;
_entity_poly.pdbx_strand_id   A,B
#
# COMPACT_ATOMS: atom_id res chain seq x y z
N VAL A 77 -17.92 -16.76 31.09
CA VAL A 77 -16.63 -16.17 31.48
C VAL A 77 -16.68 -14.63 31.47
N PRO A 78 -16.74 -13.99 32.66
CA PRO A 78 -16.75 -12.52 32.70
C PRO A 78 -15.43 -11.96 32.12
N VAL A 79 -15.54 -10.86 31.40
CA VAL A 79 -14.40 -10.27 30.74
C VAL A 79 -13.72 -9.29 31.70
N SER A 80 -12.39 -9.37 31.84
CA SER A 80 -11.63 -8.42 32.66
C SER A 80 -11.76 -7.02 32.06
N PRO A 81 -11.83 -5.99 32.92
CA PRO A 81 -11.92 -4.62 32.40
C PRO A 81 -10.69 -4.19 31.59
N LEU A 82 -9.52 -4.78 31.87
CA LEU A 82 -8.30 -4.44 31.13
C LEU A 82 -7.52 -5.72 30.77
N GLN A 83 -7.27 -5.90 29.47
CA GLN A 83 -6.52 -7.08 29.02
C GLN A 83 -5.38 -6.66 28.14
N ARG A 84 -4.21 -7.24 28.33
CA ARG A 84 -3.09 -7.11 27.42
C ARG A 84 -3.43 -8.13 26.30
N VAL A 85 -3.42 -7.69 25.04
CA VAL A 85 -3.78 -8.58 23.95
C VAL A 85 -2.70 -8.61 22.88
N ASN A 86 -2.70 -9.65 22.11
CA ASN A 86 -1.77 -9.81 21.01
C ASN A 86 -2.55 -10.32 19.80
N PHE A 87 -2.21 -9.78 18.63
CA PHE A 87 -2.79 -10.18 17.35
C PHE A 87 -1.70 -9.90 16.28
N TYR A 88 -1.86 -10.46 15.08
CA TYR A 88 -0.84 -10.38 14.06
C TYR A 88 -1.21 -9.52 12.91
N SER A 89 -0.21 -8.89 12.34
CA SER A 89 -0.35 -8.03 11.17
C SER A 89 0.87 -8.32 10.33
N ALA A 90 0.67 -8.96 9.14
CA ALA A 90 1.76 -9.32 8.24
C ALA A 90 2.81 -10.20 8.89
N GLY A 91 2.38 -11.08 9.79
CA GLY A 91 3.27 -11.97 10.52
C GLY A 91 3.87 -11.36 11.78
N TYR A 92 3.71 -10.06 11.99
CA TYR A 92 4.24 -9.38 13.18
C TYR A 92 3.25 -9.42 14.30
N ARG A 93 3.73 -9.79 15.50
CA ARG A 93 2.89 -9.85 16.70
C ARG A 93 2.77 -8.47 17.27
N LEU A 94 1.58 -7.91 17.18
CA LEU A 94 1.30 -6.58 17.72
C LEU A 94 0.81 -6.69 19.14
N ASP A 95 1.07 -5.66 19.93
CA ASP A 95 0.73 -5.61 21.34
C ASP A 95 -0.36 -4.55 21.57
N GLY A 96 -1.43 -4.92 22.25
CA GLY A 96 -2.52 -3.98 22.49
C GLY A 96 -3.08 -4.01 23.90
N LEU A 97 -4.02 -3.13 24.18
CA LEU A 97 -4.70 -3.09 25.47
C LEU A 97 -6.17 -2.95 25.15
N LEU A 98 -6.97 -3.86 25.69
CA LEU A 98 -8.39 -3.96 25.45
C LEU A 98 -9.19 -3.58 26.70
N TYR A 99 -9.91 -2.47 26.58
CA TYR A 99 -10.70 -1.84 27.62
C TYR A 99 -12.17 -2.18 27.49
N THR A 100 -12.69 -2.91 28.46
CA THR A 100 -14.12 -3.30 28.46
C THR A 100 -14.82 -2.58 29.63
N PRO A 101 -16.03 -2.01 29.43
CA PRO A 101 -16.73 -1.36 30.56
C PRO A 101 -16.87 -2.28 31.78
N ARG A 102 -16.57 -1.76 32.97
CA ARG A 102 -16.67 -2.57 34.20
C ARG A 102 -18.08 -3.08 34.43
N HIS A 103 -18.19 -4.27 35.01
CA HIS A 103 -19.47 -4.88 35.34
C HIS A 103 -20.42 -4.98 34.13
N LEU A 104 -19.88 -5.34 32.97
CA LEU A 104 -20.71 -5.49 31.77
C LEU A 104 -21.51 -6.79 31.88
N PRO A 105 -22.82 -6.78 31.60
CA PRO A 105 -23.59 -8.02 31.73
C PRO A 105 -23.10 -9.10 30.78
N ALA A 106 -23.13 -10.35 31.24
CA ALA A 106 -22.66 -11.46 30.44
C ALA A 106 -23.56 -11.68 29.23
N GLY A 107 -22.94 -11.93 28.07
CA GLY A 107 -23.65 -12.12 26.82
C GLY A 107 -23.89 -10.83 26.06
N GLU A 108 -23.71 -9.67 26.74
CA GLU A 108 -23.93 -8.35 26.17
C GLU A 108 -22.77 -7.94 25.28
N ARG A 109 -23.08 -7.68 24.01
CA ARG A 109 -22.14 -7.22 23.01
C ARG A 109 -22.33 -5.71 22.85
N ARG A 110 -21.23 -4.98 22.78
CA ARG A 110 -21.21 -3.52 22.71
C ARG A 110 -20.44 -3.01 21.50
N PRO A 111 -20.66 -1.76 21.06
CA PRO A 111 -19.84 -1.22 19.97
C PRO A 111 -18.35 -1.17 20.37
N GLY A 112 -17.49 -1.52 19.42
CA GLY A 112 -16.04 -1.57 19.64
C GLY A 112 -15.32 -0.49 18.87
N VAL A 113 -14.42 0.21 19.54
CA VAL A 113 -13.67 1.32 18.96
C VAL A 113 -12.16 1.02 18.91
N VAL A 114 -11.55 1.11 17.72
CA VAL A 114 -10.11 0.96 17.54
C VAL A 114 -9.48 2.34 17.70
N LEU A 115 -8.53 2.47 18.62
CA LEU A 115 -7.85 3.74 18.87
C LEU A 115 -6.48 3.77 18.16
N LEU A 116 -6.25 4.77 17.29
CA LEU A 116 -5.02 4.90 16.53
C LEU A 116 -4.15 6.06 17.00
N VAL A 117 -2.97 5.73 17.56
CA VAL A 117 -2.04 6.75 18.04
C VAL A 117 -1.32 7.47 16.89
N GLY A 118 -0.76 8.63 17.20
CA GLY A 118 -0.07 9.46 16.24
C GLY A 118 1.37 9.10 16.03
N TYR A 119 2.08 9.98 15.28
CA TYR A 119 3.48 9.89 14.86
C TYR A 119 4.45 9.53 15.96
N THR A 120 4.98 8.27 15.93
CA THR A 120 5.94 7.69 16.89
C THR A 120 5.37 7.56 18.33
N TYR A 121 4.09 7.84 18.54
CA TYR A 121 3.48 7.71 19.86
C TYR A 121 3.28 6.22 20.23
N LEU A 122 3.28 5.96 21.52
CA LEU A 122 3.07 4.62 22.07
C LEU A 122 1.59 4.48 22.45
N LYS A 123 1.08 3.24 22.53
CA LYS A 123 -0.33 3.00 22.88
C LYS A 123 -0.71 3.47 24.29
N THR A 124 0.28 3.64 25.18
CA THR A 124 0.01 4.12 26.55
C THR A 124 -0.11 5.66 26.63
N MET A 125 -0.01 6.35 25.48
CA MET A 125 -0.07 7.79 25.47
C MET A 125 -1.40 8.29 24.96
N VAL A 126 -2.09 9.04 25.84
CA VAL A 126 -3.38 9.69 25.63
C VAL A 126 -4.53 8.66 25.58
N MET A 127 -4.38 7.61 24.76
CA MET A 127 -5.42 6.61 24.52
C MET A 127 -5.95 5.89 25.76
N PRO A 128 -5.16 5.51 26.81
CA PRO A 128 -5.79 4.90 28.00
C PRO A 128 -6.80 5.84 28.68
N ASP A 129 -6.55 7.16 28.60
CA ASP A 129 -7.45 8.18 29.17
C ASP A 129 -8.72 8.33 28.32
N ILE A 130 -8.59 8.29 27.00
CA ILE A 130 -9.74 8.35 26.11
C ILE A 130 -10.58 7.06 26.27
N ALA A 131 -9.92 5.90 26.38
CA ALA A 131 -10.59 4.61 26.57
C ALA A 131 -11.39 4.57 27.88
N LYS A 132 -10.90 5.25 28.92
CA LYS A 132 -11.61 5.31 30.20
C LYS A 132 -12.96 6.05 30.01
N VAL A 133 -12.96 7.20 29.31
CA VAL A 133 -14.15 8.00 28.98
C VAL A 133 -15.12 7.15 28.14
N LEU A 134 -14.57 6.45 27.14
CA LEU A 134 -15.29 5.56 26.24
C LEU A 134 -15.95 4.42 27.00
N ASN A 135 -15.26 3.83 27.98
CA ASN A 135 -15.79 2.72 28.79
C ASN A 135 -16.95 3.20 29.67
N ALA A 136 -16.86 4.44 30.20
CA ALA A 136 -17.92 5.03 31.02
C ALA A 136 -19.16 5.29 30.16
N ALA A 137 -18.99 5.60 28.85
CA ALA A 137 -20.12 5.75 27.95
C ALA A 137 -20.65 4.40 27.38
N GLY A 138 -20.09 3.27 27.83
CA GLY A 138 -20.52 1.95 27.44
C GLY A 138 -19.81 1.30 26.25
N TYR A 139 -18.70 1.89 25.79
CA TYR A 139 -17.97 1.35 24.64
C TYR A 139 -16.78 0.50 24.99
N VAL A 140 -16.51 -0.50 24.13
CA VAL A 140 -15.32 -1.32 24.27
C VAL A 140 -14.22 -0.61 23.42
N ALA A 141 -12.99 -0.45 23.95
CA ALA A 141 -11.92 0.22 23.18
C ALA A 141 -10.67 -0.64 23.09
N LEU A 142 -10.01 -0.62 21.94
CA LEU A 142 -8.78 -1.33 21.76
C LEU A 142 -7.72 -0.35 21.24
N VAL A 143 -6.56 -0.29 21.92
CA VAL A 143 -5.41 0.49 21.45
C VAL A 143 -4.26 -0.49 21.27
N PHE A 144 -3.39 -0.26 20.28
CA PHE A 144 -2.29 -1.18 20.02
C PHE A 144 -1.07 -0.37 19.54
N ASP A 145 0.10 -0.99 19.60
CA ASP A 145 1.29 -0.38 19.05
C ASP A 145 1.42 -0.84 17.59
N TYR A 146 1.71 0.12 16.68
CA TYR A 146 1.97 -0.21 15.28
C TYR A 146 3.21 -1.08 15.18
N ARG A 147 3.36 -1.83 14.08
CA ARG A 147 4.56 -2.67 13.90
C ARG A 147 5.83 -1.80 13.98
N GLY A 148 6.87 -2.29 14.62
CA GLY A 148 8.12 -1.54 14.77
C GLY A 148 8.13 -0.51 15.88
N PHE A 149 7.02 -0.38 16.62
CA PHE A 149 6.93 0.59 17.69
C PHE A 149 6.46 -0.05 19.00
N GLY A 150 6.92 0.50 20.13
CA GLY A 150 6.49 0.06 21.44
C GLY A 150 6.75 -1.38 21.71
N GLU A 151 5.72 -2.12 22.15
CA GLU A 151 5.87 -3.54 22.44
C GLU A 151 5.59 -4.45 21.25
N SER A 152 5.30 -3.89 20.07
CA SER A 152 5.00 -4.71 18.89
C SER A 152 6.27 -5.12 18.17
N GLU A 153 6.23 -6.29 17.48
CA GLU A 153 7.34 -6.71 16.63
C GLU A 153 7.35 -5.88 15.32
N GLY A 154 8.42 -6.00 14.55
CA GLY A 154 8.58 -5.31 13.29
C GLY A 154 9.87 -4.51 13.24
N PRO A 155 10.34 -4.23 12.01
CA PRO A 155 11.56 -3.40 11.82
C PRO A 155 11.45 -2.08 12.61
N ARG A 156 12.36 -1.89 13.56
CA ARG A 156 12.32 -0.79 14.52
C ARG A 156 12.26 0.59 13.94
N GLY A 157 11.19 1.31 14.26
CA GLY A 157 11.02 2.68 13.81
C GLY A 157 10.65 2.84 12.35
N ARG A 158 10.48 1.71 11.61
CA ARG A 158 10.14 1.82 10.21
C ARG A 158 8.68 2.15 10.08
N LEU A 159 8.40 3.45 9.91
CA LEU A 159 7.04 3.95 9.80
C LEU A 159 6.66 4.08 8.32
N ILE A 160 5.73 3.24 7.88
CA ILE A 160 5.19 3.28 6.52
C ILE A 160 3.70 3.44 6.73
N PRO A 161 3.14 4.61 6.39
CA PRO A 161 1.73 4.88 6.69
C PRO A 161 0.71 3.80 6.30
N LEU A 162 0.81 3.22 5.11
CA LEU A 162 -0.13 2.18 4.67
C LEU A 162 0.06 0.88 5.44
N GLU A 163 1.25 0.64 6.05
CA GLU A 163 1.45 -0.52 6.94
C GLU A 163 0.74 -0.24 8.27
N GLN A 164 0.76 1.02 8.76
CA GLN A 164 0.04 1.39 9.97
C GLN A 164 -1.47 1.25 9.75
N VAL A 165 -1.97 1.52 8.53
CA VAL A 165 -3.38 1.34 8.13
C VAL A 165 -3.69 -0.17 8.07
N ALA A 166 -2.78 -0.99 7.51
CA ALA A 166 -2.97 -2.45 7.50
C ALA A 166 -3.02 -3.00 8.95
N ASP A 167 -2.19 -2.46 9.88
CA ASP A 167 -2.22 -2.85 11.30
C ASP A 167 -3.60 -2.55 11.91
N ALA A 168 -4.17 -1.34 11.59
CA ALA A 168 -5.49 -0.92 12.06
C ALA A 168 -6.58 -1.85 11.54
N ARG A 169 -6.42 -2.41 10.33
CA ARG A 169 -7.39 -3.34 9.76
C ARG A 169 -7.28 -4.69 10.42
N ALA A 170 -6.06 -5.12 10.81
CA ALA A 170 -5.87 -6.36 11.55
C ALA A 170 -6.49 -6.17 12.98
N ALA A 171 -6.39 -4.97 13.56
CA ALA A 171 -6.96 -4.69 14.89
C ALA A 171 -8.50 -4.77 14.84
N LEU A 172 -9.11 -4.35 13.73
CA LEU A 172 -10.56 -4.44 13.50
C LEU A 172 -10.96 -5.91 13.45
N THR A 173 -10.16 -6.77 12.75
CA THR A 173 -10.44 -8.21 12.70
C THR A 173 -10.39 -8.81 14.09
N PHE A 174 -9.35 -8.49 14.87
CA PHE A 174 -9.23 -8.98 16.25
C PHE A 174 -10.40 -8.50 17.11
N LEU A 175 -10.69 -7.18 17.08
CA LEU A 175 -11.75 -6.62 17.91
C LEU A 175 -13.10 -7.21 17.59
N ALA A 176 -13.41 -7.45 16.29
CA ALA A 176 -14.68 -8.06 15.89
C ALA A 176 -14.84 -9.49 16.40
N GLU A 177 -13.74 -10.19 16.74
CA GLU A 177 -13.77 -11.56 17.28
C GLU A 177 -13.95 -11.63 18.80
N GLN A 178 -13.96 -10.47 19.49
CA GLN A 178 -14.10 -10.47 20.94
C GLN A 178 -15.55 -10.71 21.37
N SER A 179 -15.78 -11.52 22.39
CA SER A 179 -17.13 -11.91 22.83
C SER A 179 -18.02 -10.74 23.28
N MET A 180 -17.41 -9.69 23.82
CA MET A 180 -18.16 -8.52 24.29
C MET A 180 -18.38 -7.46 23.20
N VAL A 181 -17.97 -7.71 21.95
CA VAL A 181 -18.10 -6.69 20.89
C VAL A 181 -19.10 -7.09 19.81
N ASP A 182 -19.87 -6.12 19.31
CA ASP A 182 -20.76 -6.37 18.19
C ASP A 182 -19.94 -6.10 16.92
N PRO A 183 -19.63 -7.15 16.13
CA PRO A 183 -18.82 -6.95 14.91
C PRO A 183 -19.40 -6.02 13.85
N ASP A 184 -20.70 -5.77 13.92
CA ASP A 184 -21.35 -4.86 12.98
C ASP A 184 -21.38 -3.40 13.48
N ARG A 185 -20.86 -3.12 14.69
CA ARG A 185 -20.85 -1.78 15.25
C ARG A 185 -19.41 -1.38 15.66
N LEU A 186 -18.53 -1.30 14.66
CA LEU A 186 -17.14 -0.93 14.87
C LEU A 186 -16.89 0.51 14.45
N ALA A 187 -16.08 1.22 15.23
CA ALA A 187 -15.69 2.60 14.94
C ALA A 187 -14.16 2.75 15.10
N VAL A 188 -13.58 3.80 14.54
CA VAL A 188 -12.15 4.07 14.65
C VAL A 188 -11.96 5.52 15.07
N ILE A 189 -11.08 5.79 16.05
CA ILE A 189 -10.72 7.15 16.48
C ILE A 189 -9.19 7.26 16.37
N GLY A 190 -8.69 8.26 15.65
CA GLY A 190 -7.27 8.47 15.55
C GLY A 190 -6.81 9.85 15.94
N ILE A 191 -5.62 9.95 16.54
CA ILE A 191 -5.03 11.24 16.89
C ILE A 191 -3.89 11.62 15.94
N SER A 192 -3.98 12.80 15.32
CA SER A 192 -3.02 13.40 14.42
C SER A 192 -2.68 12.47 13.19
N LEU A 193 -1.47 11.92 13.03
CA LEU A 193 -1.19 10.98 11.93
C LEU A 193 -2.15 9.74 12.03
N GLY A 194 -2.49 9.34 13.26
CA GLY A 194 -3.45 8.28 13.48
C GLY A 194 -4.85 8.64 13.00
N GLY A 195 -5.17 9.93 12.98
CA GLY A 195 -6.44 10.48 12.49
C GLY A 195 -6.51 10.39 10.98
N ALA A 196 -5.38 10.59 10.30
CA ALA A 196 -5.28 10.39 8.86
C ALA A 196 -5.42 8.87 8.59
N HIS A 197 -4.88 8.00 9.48
CA HIS A 197 -5.04 6.55 9.35
C HIS A 197 -6.48 6.13 9.56
N ALA A 198 -7.21 6.78 10.47
CA ALA A 198 -8.61 6.47 10.72
C ALA A 198 -9.41 6.69 9.44
N ILE A 199 -9.15 7.82 8.75
CA ILE A 199 -9.78 8.19 7.49
C ILE A 199 -9.44 7.16 6.43
N THR A 200 -8.15 6.82 6.25
CA THR A 200 -7.73 5.83 5.25
C THR A 200 -8.33 4.45 5.53
N THR A 201 -8.35 4.04 6.80
CA THR A 201 -8.91 2.75 7.23
C THR A 201 -10.39 2.72 6.91
N ALA A 202 -11.15 3.78 7.24
CA ALA A 202 -12.58 3.81 6.95
C ALA A 202 -12.82 3.78 5.43
N ALA A 203 -11.98 4.46 4.65
CA ALA A 203 -12.12 4.47 3.20
C ALA A 203 -11.93 3.09 2.58
N LEU A 204 -10.97 2.29 3.10
CA LEU A 204 -10.69 0.97 2.53
C LEU A 204 -11.48 -0.17 3.18
N ASP A 205 -12.11 0.08 4.32
CA ASP A 205 -12.77 -0.97 5.08
C ASP A 205 -14.19 -0.63 5.47
N GLN A 206 -15.16 -1.38 4.91
CA GLN A 206 -16.57 -1.19 5.18
C GLN A 206 -17.00 -1.55 6.61
N ARG A 207 -16.13 -2.22 7.38
CA ARG A 207 -16.48 -2.56 8.78
C ARG A 207 -16.51 -1.32 9.69
N VAL A 208 -15.81 -0.22 9.28
CA VAL A 208 -15.81 1.02 10.01
C VAL A 208 -17.15 1.75 9.78
N ARG A 209 -18.01 1.73 10.79
CA ARG A 209 -19.31 2.38 10.69
C ARG A 209 -19.28 3.89 10.98
N ALA A 210 -18.28 4.36 11.72
CA ALA A 210 -18.10 5.77 12.08
C ALA A 210 -16.62 6.02 12.36
N VAL A 211 -16.17 7.24 12.07
CA VAL A 211 -14.76 7.61 12.17
C VAL A 211 -14.57 8.93 12.86
N VAL A 212 -13.57 9.03 13.74
CA VAL A 212 -13.20 10.30 14.33
C VAL A 212 -11.72 10.55 14.05
N ALA A 213 -11.41 11.66 13.40
CA ALA A 213 -10.07 12.04 13.07
C ALA A 213 -9.73 13.32 13.81
N LEU A 214 -8.83 13.27 14.78
CA LEU A 214 -8.41 14.46 15.51
C LEU A 214 -7.11 15.01 14.88
N GLU A 215 -7.04 16.33 14.57
CA GLU A 215 -5.86 17.01 14.01
C GLU A 215 -5.19 16.22 12.86
N PRO A 216 -5.93 15.80 11.81
CA PRO A 216 -5.29 14.96 10.78
C PRO A 216 -4.61 15.69 9.63
N PRO A 217 -3.41 15.23 9.26
CA PRO A 217 -2.78 15.74 8.04
C PRO A 217 -3.55 15.14 6.83
N GLY A 218 -4.04 16.00 5.94
CA GLY A 218 -4.75 15.54 4.76
C GLY A 218 -3.83 15.18 3.62
N HIS A 219 -2.67 15.85 3.53
CA HIS A 219 -1.71 15.64 2.46
C HIS A 219 -0.35 15.66 3.10
N GLY A 220 0.34 14.52 3.10
CA GLY A 220 1.64 14.37 3.74
C GLY A 220 2.68 15.37 3.30
N ALA A 221 2.85 15.55 1.98
CA ALA A 221 3.85 16.50 1.45
C ALA A 221 3.52 17.94 1.83
N ARG A 222 2.25 18.35 1.69
CA ARG A 222 1.79 19.69 2.06
C ARG A 222 2.01 19.94 3.54
N TRP A 223 1.69 18.95 4.39
CA TRP A 223 1.87 19.06 5.84
C TRP A 223 3.35 19.26 6.22
N LEU A 224 4.23 18.37 5.74
CA LEU A 224 5.64 18.45 6.06
C LEU A 224 6.31 19.70 5.43
N ARG A 225 5.83 20.09 4.23
CA ARG A 225 6.30 21.27 3.50
C ARG A 225 6.04 22.51 4.34
N SER A 226 4.83 22.64 4.91
CA SER A 226 4.43 23.77 5.75
C SER A 226 5.26 23.97 7.00
N LEU A 227 5.95 22.94 7.48
CA LEU A 227 6.81 23.02 8.67
C LEU A 227 8.21 23.59 8.38
N ARG A 228 8.54 23.83 7.11
CA ARG A 228 9.83 24.34 6.70
C ARG A 228 9.71 25.58 5.82
N ARG A 229 10.78 26.36 5.73
CA ARG A 229 10.83 27.47 4.75
C ARG A 229 11.10 26.76 3.41
N HIS A 230 10.71 27.35 2.27
CA HIS A 230 10.89 26.67 0.98
C HIS A 230 12.29 26.15 0.72
N TRP A 231 13.33 26.93 1.02
CA TRP A 231 14.70 26.48 0.81
C TRP A 231 15.08 25.29 1.68
N GLU A 232 14.51 25.21 2.88
CA GLU A 232 14.76 24.08 3.79
C GLU A 232 14.09 22.80 3.26
N TRP A 233 12.92 22.94 2.65
CA TRP A 233 12.14 21.84 2.08
C TRP A 233 12.84 21.25 0.88
N ARG A 234 13.35 22.10 -0.03
CA ARG A 234 14.08 21.66 -1.21
C ARG A 234 15.34 20.90 -0.81
N GLN A 235 16.04 21.37 0.22
CA GLN A 235 17.24 20.77 0.76
C GLN A 235 16.90 19.39 1.37
N PHE A 236 15.75 19.28 2.07
CA PHE A 236 15.25 18.04 2.68
C PHE A 236 14.91 17.03 1.59
N LEU A 237 14.24 17.49 0.52
CA LEU A 237 13.87 16.68 -0.64
C LEU A 237 15.11 16.11 -1.33
N SER A 238 16.18 16.91 -1.45
CA SER A 238 17.43 16.44 -2.04
C SER A 238 18.07 15.37 -1.16
N ARG A 239 17.99 15.54 0.17
CA ARG A 239 18.54 14.56 1.09
C ARG A 239 17.80 13.18 0.93
N LEU A 240 16.49 13.25 0.72
CA LEU A 240 15.60 12.11 0.50
C LEU A 240 15.91 11.42 -0.83
N ALA A 241 16.18 12.17 -1.91
CA ALA A 241 16.53 11.61 -3.23
C ALA A 241 17.88 10.87 -3.14
N GLU A 242 18.82 11.42 -2.36
CA GLU A 242 20.12 10.78 -2.16
C GLU A 242 19.95 9.48 -1.34
N ASP A 243 19.03 9.48 -0.36
CA ASP A 243 18.75 8.29 0.46
C ASP A 243 18.05 7.22 -0.34
N ARG A 244 17.15 7.61 -1.27
CA ARG A 244 16.46 6.69 -2.16
C ARG A 244 17.52 5.98 -3.04
N ARG A 245 18.51 6.73 -3.54
CA ARG A 245 19.61 6.16 -4.31
C ARG A 245 20.42 5.15 -3.49
N GLN A 246 20.81 5.51 -2.25
CA GLN A 246 21.62 4.66 -1.38
C GLN A 246 20.88 3.37 -0.93
N ARG A 247 19.58 3.47 -0.60
CA ARG A 247 18.91 2.28 -0.13
C ARG A 247 18.62 1.31 -1.29
N VAL A 248 18.47 1.78 -2.53
CA VAL A 248 18.26 0.89 -3.67
C VAL A 248 19.58 0.24 -4.08
N LEU A 249 20.66 1.01 -4.09
CA LEU A 249 21.97 0.50 -4.46
C LEU A 249 22.63 -0.39 -3.38
N SER A 250 22.46 -0.09 -2.06
CA SER A 250 23.15 -0.83 -1.00
C SER A 250 22.30 -1.46 0.10
N GLY A 251 21.02 -1.09 0.20
CA GLY A 251 20.13 -1.75 1.14
C GLY A 251 19.65 -1.08 2.40
N GLY A 252 20.40 -0.12 2.93
CA GLY A 252 20.01 0.53 4.17
C GLY A 252 19.63 1.98 4.03
N SER A 253 18.67 2.42 4.85
CA SER A 253 18.23 3.82 4.85
C SER A 253 18.90 4.52 6.06
N THR A 254 19.17 5.82 5.93
CA THR A 254 19.77 6.61 7.00
C THR A 254 18.72 6.77 8.12
N MET A 255 19.09 6.41 9.36
CA MET A 255 18.19 6.52 10.51
C MET A 255 18.30 7.90 11.13
N VAL A 256 17.18 8.58 11.33
CA VAL A 256 17.18 9.94 11.86
C VAL A 256 16.23 10.08 13.05
N ASP A 257 16.38 11.18 13.80
CA ASP A 257 15.50 11.58 14.88
C ASP A 257 14.15 11.87 14.23
N PRO A 258 13.02 11.34 14.75
CA PRO A 258 11.72 11.62 14.11
C PRO A 258 11.43 13.13 13.94
N LEU A 259 12.02 13.97 14.79
CA LEU A 259 11.79 15.41 14.70
C LEU A 259 12.63 16.09 13.60
N GLU A 260 13.45 15.32 12.84
CA GLU A 260 14.15 15.78 11.64
C GLU A 260 13.15 15.64 10.46
N ILE A 261 12.11 14.80 10.55
CA ILE A 261 11.11 14.64 9.49
C ILE A 261 9.92 15.57 9.79
N VAL A 262 9.34 15.46 11.00
CA VAL A 262 8.26 16.32 11.43
C VAL A 262 8.93 17.39 12.28
N LEU A 263 9.36 18.47 11.61
CA LEU A 263 10.11 19.57 12.20
C LEU A 263 9.18 20.40 13.05
N PRO A 264 9.38 20.39 14.39
CA PRO A 264 8.44 21.10 15.26
C PRO A 264 8.77 22.56 15.55
N ASP A 265 7.73 23.33 15.87
CA ASP A 265 7.90 24.71 16.31
C ASP A 265 8.53 24.70 17.73
N PRO A 266 9.12 25.82 18.22
CA PRO A 266 9.77 25.80 19.55
C PRO A 266 8.87 25.37 20.72
N GLU A 267 7.56 25.62 20.59
CA GLU A 267 6.57 25.30 21.60
C GLU A 267 6.35 23.79 21.66
N SER A 268 6.10 23.16 20.48
CA SER A 268 5.94 21.72 20.36
C SER A 268 7.23 21.03 20.78
N GLN A 269 8.40 21.59 20.45
CA GLN A 269 9.68 21.02 20.84
C GLN A 269 9.79 20.94 22.36
N ALA A 270 9.39 21.99 23.08
CA ALA A 270 9.41 22.02 24.54
C ALA A 270 8.47 20.97 25.17
N PHE A 271 7.26 20.81 24.59
CA PHE A 271 6.31 19.83 25.09
C PHE A 271 6.82 18.43 24.77
N LEU A 272 7.32 18.21 23.55
CA LEU A 272 7.85 16.92 23.13
C LEU A 272 9.03 16.49 23.98
N ASP A 273 9.83 17.45 24.46
CA ASP A 273 10.95 17.15 25.35
C ASP A 273 10.40 16.67 26.71
N GLN A 274 9.31 17.27 27.19
CA GLN A 274 8.67 16.91 28.45
C GLN A 274 8.02 15.53 28.36
N VAL A 275 7.39 15.21 27.22
CA VAL A 275 6.75 13.92 27.02
C VAL A 275 7.82 12.82 26.87
N ALA A 276 8.95 13.14 26.21
CA ALA A 276 10.04 12.18 26.08
C ALA A 276 10.74 11.94 27.41
N ALA A 277 10.80 12.94 28.29
CA ALA A 277 11.43 12.77 29.61
C ALA A 277 10.59 11.80 30.49
N GLU A 278 9.25 11.85 30.33
CA GLU A 278 8.31 11.00 31.07
C GLU A 278 8.22 9.58 30.49
N PHE A 279 8.22 9.45 29.16
CA PHE A 279 8.17 8.16 28.48
C PHE A 279 9.50 7.99 27.71
N PRO A 280 10.64 7.70 28.38
CA PRO A 280 11.92 7.57 27.63
C PRO A 280 11.99 6.40 26.65
N GLN A 281 11.07 5.42 26.78
CA GLN A 281 10.97 4.24 25.90
C GLN A 281 10.36 4.59 24.50
N MET A 282 9.78 5.79 24.38
CA MET A 282 9.24 6.35 23.16
C MET A 282 10.38 6.77 22.19
N LYS A 283 11.63 6.96 22.72
CA LYS A 283 12.82 7.29 21.93
C LYS A 283 13.03 6.24 20.86
N VAL A 284 13.08 6.70 19.60
CA VAL A 284 13.21 5.87 18.43
C VAL A 284 13.86 6.71 17.30
N THR A 285 14.38 6.03 16.29
CA THR A 285 14.89 6.64 15.08
C THR A 285 14.07 6.05 13.94
N LEU A 286 13.89 6.83 12.89
CA LEU A 286 13.11 6.43 11.73
C LEU A 286 14.01 6.45 10.51
N PRO A 287 13.81 5.55 9.52
CA PRO A 287 14.59 5.67 8.29
C PRO A 287 14.09 6.88 7.50
N LEU A 288 14.98 7.50 6.70
CA LEU A 288 14.54 8.61 5.83
C LEU A 288 13.42 8.16 4.86
N GLU A 289 13.35 6.86 4.57
CA GLU A 289 12.31 6.23 3.78
C GLU A 289 10.91 6.55 4.33
N SER A 290 10.79 6.74 5.65
CA SER A 290 9.51 7.09 6.29
C SER A 290 9.03 8.48 5.88
N ALA A 291 9.96 9.43 5.66
CA ALA A 291 9.62 10.77 5.18
C ALA A 291 9.08 10.70 3.77
N GLU A 292 9.69 9.89 2.92
CA GLU A 292 9.24 9.72 1.55
C GLU A 292 7.83 9.08 1.50
N ALA A 293 7.60 8.03 2.30
CA ALA A 293 6.29 7.39 2.37
C ALA A 293 5.23 8.33 2.92
N LEU A 294 5.57 9.21 3.87
CA LEU A 294 4.64 10.21 4.44
C LEU A 294 4.32 11.28 3.38
N ILE A 295 5.31 11.66 2.55
CA ILE A 295 5.09 12.63 1.50
C ILE A 295 4.05 12.12 0.49
N GLU A 296 4.10 10.80 0.18
CA GLU A 296 3.16 10.18 -0.76
C GLU A 296 1.83 9.78 -0.11
N TYR A 297 1.63 10.09 1.17
CA TYR A 297 0.47 9.68 1.93
C TYR A 297 -0.54 10.78 2.00
N VAL A 298 -1.61 10.66 1.20
CA VAL A 298 -2.63 11.70 1.12
C VAL A 298 -3.98 11.11 1.50
N SER A 299 -4.36 11.24 2.78
CA SER A 299 -5.65 10.72 3.23
C SER A 299 -6.87 11.45 2.64
N GLU A 300 -6.66 12.68 2.10
CA GLU A 300 -7.64 13.53 1.44
C GLU A 300 -8.20 12.82 0.21
N ASP A 301 -7.31 12.14 -0.57
CA ASP A 301 -7.68 11.48 -1.82
C ASP A 301 -8.61 10.28 -1.65
N LEU A 302 -8.76 9.78 -0.42
CA LEU A 302 -9.61 8.64 -0.08
C LEU A 302 -10.81 9.05 0.79
N ALA A 303 -10.78 10.23 1.43
CA ALA A 303 -11.81 10.70 2.34
C ALA A 303 -13.23 10.66 1.80
N GLY A 304 -13.38 10.88 0.50
CA GLY A 304 -14.69 10.84 -0.14
C GLY A 304 -15.30 9.45 -0.14
N ARG A 305 -14.45 8.39 -0.17
CA ARG A 305 -14.87 6.98 -0.19
C ARG A 305 -15.61 6.53 1.06
N ILE A 306 -15.60 7.33 2.13
CA ILE A 306 -16.31 6.98 3.35
C ILE A 306 -17.87 7.01 3.12
N ALA A 307 -18.31 7.44 1.91
CA ALA A 307 -19.66 7.51 1.36
C ALA A 307 -20.68 8.01 2.38
N PRO A 308 -21.79 7.32 2.77
CA PRO A 308 -22.70 7.92 3.76
C PRO A 308 -22.25 7.71 5.21
N ARG A 309 -21.19 6.91 5.45
CA ARG A 309 -20.71 6.69 6.81
C ARG A 309 -20.15 8.00 7.35
N PRO A 310 -20.50 8.34 8.59
CA PRO A 310 -20.08 9.64 9.13
C PRO A 310 -18.63 9.72 9.58
N LEU A 311 -18.09 10.92 9.48
CA LEU A 311 -16.73 11.25 9.86
C LEU A 311 -16.79 12.52 10.68
N LEU A 312 -16.09 12.54 11.80
CA LEU A 312 -15.98 13.74 12.61
C LEU A 312 -14.52 14.13 12.58
N ILE A 313 -14.22 15.39 12.21
CA ILE A 313 -12.85 15.88 12.19
C ILE A 313 -12.74 16.96 13.27
N ILE A 314 -11.95 16.71 14.31
CA ILE A 314 -11.80 17.66 15.41
C ILE A 314 -10.45 18.33 15.28
N HIS A 315 -10.42 19.65 15.09
CA HIS A 315 -9.17 20.39 14.94
C HIS A 315 -9.30 21.83 15.52
N SER A 316 -8.28 22.69 15.31
CA SER A 316 -8.27 24.07 15.80
C SER A 316 -7.24 24.93 15.09
N ASP A 317 -7.43 26.26 15.16
CA ASP A 317 -6.50 27.25 14.60
C ASP A 317 -5.20 27.25 15.38
N ALA A 318 -5.27 27.05 16.71
CA ALA A 318 -4.12 27.05 17.60
C ALA A 318 -3.06 25.96 17.30
N ASP A 319 -3.39 24.94 16.48
CA ASP A 319 -2.46 23.88 16.15
C ASP A 319 -1.34 24.34 15.22
N GLN A 320 -0.11 24.41 15.77
CA GLN A 320 1.06 24.84 15.03
C GLN A 320 1.86 23.70 14.40
N LEU A 321 1.55 22.44 14.76
CA LEU A 321 2.25 21.28 14.24
C LEU A 321 1.52 20.68 13.03
N VAL A 322 0.19 20.64 13.08
CA VAL A 322 -0.62 20.19 11.95
C VAL A 322 -1.59 21.36 11.69
N PRO A 323 -1.35 22.21 10.66
CA PRO A 323 -2.23 23.36 10.45
C PRO A 323 -3.70 22.97 10.26
N VAL A 324 -4.66 23.80 10.74
CA VAL A 324 -6.09 23.49 10.57
C VAL A 324 -6.49 23.43 9.08
N ALA A 325 -5.68 24.02 8.18
CA ALA A 325 -5.94 23.95 6.73
C ALA A 325 -5.95 22.47 6.25
N GLU A 326 -5.20 21.56 6.95
CA GLU A 326 -5.19 20.13 6.66
C GLU A 326 -6.56 19.51 6.92
N ALA A 327 -7.19 19.84 8.05
CA ALA A 327 -8.54 19.38 8.40
C ALA A 327 -9.58 19.94 7.45
N GLN A 328 -9.40 21.20 7.04
CA GLN A 328 -10.32 21.87 6.11
C GLN A 328 -10.25 21.22 4.73
N ALA A 329 -9.05 20.87 4.27
CA ALA A 329 -8.90 20.21 2.98
C ALA A 329 -9.53 18.81 2.97
N ILE A 330 -9.48 18.08 4.11
CA ILE A 330 -10.11 16.78 4.23
C ILE A 330 -11.64 16.94 4.23
N ALA A 331 -12.16 17.90 5.02
CA ALA A 331 -13.59 18.15 5.08
C ALA A 331 -14.19 18.49 3.71
N GLU A 332 -13.46 19.20 2.84
CA GLU A 332 -13.96 19.52 1.51
C GLU A 332 -14.05 18.26 0.64
N ARG A 333 -13.09 17.35 0.78
CA ARG A 333 -13.07 16.13 0.00
C ARG A 333 -14.08 15.10 0.51
N ALA A 334 -14.32 15.06 1.82
CA ALA A 334 -15.22 14.07 2.41
C ALA A 334 -16.68 14.33 2.15
N GLY A 335 -17.06 15.60 2.02
CA GLY A 335 -18.43 15.94 1.71
C GLY A 335 -19.30 16.22 2.92
N SER A 336 -20.62 16.19 2.69
CA SER A 336 -21.66 16.51 3.66
C SER A 336 -21.79 15.54 4.81
N SER A 337 -21.54 14.23 4.60
CA SER A 337 -21.60 13.27 5.70
C SER A 337 -20.46 13.44 6.74
N ALA A 338 -19.43 14.24 6.40
CA ALA A 338 -18.37 14.56 7.34
C ALA A 338 -18.74 15.87 8.05
N GLN A 339 -18.22 16.04 9.26
CA GLN A 339 -18.51 17.21 10.08
C GLN A 339 -17.18 17.69 10.65
N LEU A 340 -16.87 18.98 10.48
CA LEU A 340 -15.63 19.55 10.96
C LEU A 340 -15.90 20.39 12.18
N GLU A 341 -15.31 20.04 13.31
CA GLU A 341 -15.51 20.76 14.55
C GLU A 341 -14.25 21.47 14.99
N ILE A 342 -14.30 22.80 15.07
CA ILE A 342 -13.17 23.58 15.52
C ILE A 342 -13.37 23.93 16.99
N ILE A 343 -12.39 23.62 17.82
CA ILE A 343 -12.45 23.91 19.24
C ILE A 343 -11.48 25.07 19.47
N PRO A 344 -11.96 26.18 20.05
CA PRO A 344 -11.10 27.38 20.14
C PRO A 344 -9.82 27.20 20.97
N GLY A 345 -9.96 26.81 22.24
CA GLY A 345 -8.80 26.58 23.08
C GLY A 345 -8.21 25.20 22.85
N MET A 346 -7.56 24.98 21.68
CA MET A 346 -7.01 23.65 21.39
C MET A 346 -5.79 23.65 20.50
N SER A 347 -4.63 23.52 21.13
CA SER A 347 -3.36 23.39 20.45
C SER A 347 -3.12 21.88 20.19
N HIS A 348 -1.92 21.50 19.74
CA HIS A 348 -1.63 20.08 19.51
C HIS A 348 -1.49 19.31 20.81
N PHE A 349 -1.12 19.97 21.91
CA PHE A 349 -0.85 19.28 23.15
C PHE A 349 -1.54 19.76 24.40
N ASN A 350 -2.28 20.87 24.37
CA ASN A 350 -2.88 21.40 25.61
C ASN A 350 -4.14 20.68 26.07
N TRP A 351 -4.70 19.78 25.26
CA TRP A 351 -5.92 19.06 25.61
C TRP A 351 -5.68 17.62 26.12
N VAL A 352 -4.46 17.09 26.00
CA VAL A 352 -4.15 15.71 26.34
C VAL A 352 -4.37 15.32 27.83
N MET A 353 -4.07 16.23 28.78
CA MET A 353 -4.21 15.97 30.21
C MET A 353 -5.68 15.70 30.61
N PRO A 354 -5.98 14.54 31.21
CA PRO A 354 -7.38 14.21 31.54
C PRO A 354 -8.17 15.20 32.40
N GLY A 355 -7.47 15.98 33.21
CA GLY A 355 -8.14 16.97 34.07
C GLY A 355 -8.38 18.31 33.42
N SER A 356 -7.75 18.55 32.25
CA SER A 356 -7.85 19.80 31.52
C SER A 356 -9.25 20.07 30.93
N PRO A 357 -9.61 21.35 30.69
CA PRO A 357 -10.92 21.62 30.09
C PRO A 357 -10.98 21.20 28.61
N GLY A 358 -9.84 21.25 27.92
CA GLY A 358 -9.73 20.81 26.54
C GLY A 358 -9.97 19.31 26.40
N PHE A 359 -9.54 18.51 27.39
CA PHE A 359 -9.77 17.07 27.35
C PHE A 359 -11.25 16.77 27.41
N THR A 360 -11.95 17.44 28.32
CA THR A 360 -13.38 17.28 28.53
C THR A 360 -14.17 17.69 27.28
N ARG A 361 -13.83 18.84 26.69
CA ARG A 361 -14.50 19.32 25.48
C ARG A 361 -14.30 18.38 24.28
N VAL A 362 -13.09 17.81 24.15
CA VAL A 362 -12.77 16.86 23.07
C VAL A 362 -13.50 15.53 23.28
N THR A 363 -13.37 14.93 24.48
CA THR A 363 -14.01 13.65 24.76
C THR A 363 -15.53 13.74 24.72
N ASP A 364 -16.12 14.89 25.12
CA ASP A 364 -17.56 15.10 25.06
C ASP A 364 -18.02 15.13 23.59
N SER A 365 -17.22 15.75 22.73
CA SER A 365 -17.52 15.84 21.31
C SER A 365 -17.44 14.45 20.64
N ILE A 366 -16.51 13.59 21.11
CA ILE A 366 -16.35 12.24 20.59
C ILE A 366 -17.55 11.39 21.03
N VAL A 367 -17.86 11.42 22.34
CA VAL A 367 -18.94 10.66 22.93
C VAL A 367 -20.30 11.02 22.31
N LYS A 368 -20.56 12.32 22.08
CA LYS A 368 -21.81 12.78 21.44
C LYS A 368 -21.92 12.22 20.01
N PHE A 369 -20.82 12.26 19.25
CA PHE A 369 -20.78 11.74 17.88
C PHE A 369 -21.02 10.23 17.86
N LEU A 370 -20.40 9.50 18.80
CA LEU A 370 -20.57 8.07 18.87
C LEU A 370 -21.97 7.70 19.34
N ARG A 371 -22.58 8.50 20.22
CA ARG A 371 -23.91 8.22 20.72
C ARG A 371 -24.97 8.26 19.63
N ASN A 372 -24.97 9.28 18.73
CA ASN A 372 -25.99 9.28 17.69
C ASN A 372 -25.54 8.60 16.37
N THR A 373 -24.41 7.89 16.39
CA THR A 373 -23.97 7.13 15.22
C THR A 373 -24.00 5.63 15.54
N LEU A 374 -23.40 5.25 16.67
CA LEU A 374 -23.37 3.88 17.16
C LEU A 374 -23.95 3.88 18.58
N PRO A 375 -25.28 3.98 18.73
CA PRO A 375 -25.87 4.03 20.08
C PRO A 375 -25.63 2.72 20.83
N VAL A 376 -25.34 2.78 22.13
CA VAL A 376 -25.11 1.58 22.93
C VAL A 376 -26.35 0.63 22.90
N SER A 377 -27.55 1.21 22.74
CA SER A 377 -28.81 0.47 22.58
C SER A 377 -28.91 -0.06 21.13
N SER B 80 29.31 -4.73 -21.03
CA SER B 80 28.94 -6.15 -21.13
C SER B 80 27.47 -6.34 -21.59
N PRO B 81 27.19 -7.29 -22.50
CA PRO B 81 25.79 -7.46 -22.99
C PRO B 81 24.75 -7.90 -21.96
N LEU B 82 25.06 -8.93 -21.16
CA LEU B 82 24.15 -9.41 -20.15
C LEU B 82 24.82 -9.37 -18.78
N GLN B 83 24.39 -8.45 -17.93
CA GLN B 83 24.94 -8.37 -16.59
C GLN B 83 23.96 -8.87 -15.54
N ARG B 84 24.43 -9.72 -14.64
CA ARG B 84 23.69 -10.24 -13.50
C ARG B 84 23.74 -9.06 -12.52
N VAL B 85 22.58 -8.47 -12.21
CA VAL B 85 22.57 -7.30 -11.31
C VAL B 85 21.77 -7.56 -10.02
N ASN B 86 22.02 -6.74 -8.99
CA ASN B 86 21.34 -6.79 -7.70
C ASN B 86 21.05 -5.36 -7.26
N PHE B 87 19.87 -5.15 -6.69
CA PHE B 87 19.42 -3.87 -6.13
C PHE B 87 18.41 -4.20 -5.01
N TYR B 88 18.11 -3.24 -4.16
CA TYR B 88 17.30 -3.44 -2.99
C TYR B 88 15.93 -2.82 -3.07
N SER B 89 14.98 -3.51 -2.47
CA SER B 89 13.61 -3.04 -2.39
C SER B 89 13.14 -3.39 -1.00
N ALA B 90 12.91 -2.35 -0.15
CA ALA B 90 12.49 -2.51 1.25
C ALA B 90 13.47 -3.39 2.05
N GLY B 91 14.76 -3.26 1.75
CA GLY B 91 15.80 -4.02 2.42
C GLY B 91 16.07 -5.39 1.81
N TYR B 92 15.22 -5.85 0.87
CA TYR B 92 15.41 -7.13 0.23
C TYR B 92 16.26 -6.99 -0.99
N ARG B 93 17.22 -7.89 -1.15
CA ARG B 93 18.11 -7.92 -2.29
C ARG B 93 17.42 -8.62 -3.42
N LEU B 94 17.09 -7.87 -4.45
CA LEU B 94 16.44 -8.41 -5.63
C LEU B 94 17.48 -8.80 -6.65
N ASP B 95 17.15 -9.79 -7.47
CA ASP B 95 18.04 -10.31 -8.47
C ASP B 95 17.51 -9.99 -9.86
N GLY B 96 18.35 -9.43 -10.71
CA GLY B 96 17.95 -9.09 -12.06
C GLY B 96 18.99 -9.39 -13.13
N LEU B 97 18.57 -9.17 -14.39
CA LEU B 97 19.37 -9.32 -15.60
C LEU B 97 19.28 -8.01 -16.35
N LEU B 98 20.42 -7.44 -16.73
CA LEU B 98 20.46 -6.17 -17.44
C LEU B 98 20.96 -6.41 -18.87
N TYR B 99 20.11 -6.12 -19.86
CA TYR B 99 20.33 -6.29 -21.27
C TYR B 99 20.67 -4.99 -21.98
N THR B 100 21.90 -4.87 -22.48
CA THR B 100 22.31 -3.68 -23.22
C THR B 100 22.61 -4.06 -24.68
N PRO B 101 22.22 -3.22 -25.65
CA PRO B 101 22.49 -3.55 -27.06
C PRO B 101 23.97 -3.79 -27.36
N ARG B 102 24.23 -4.69 -28.32
CA ARG B 102 25.57 -5.05 -28.78
C ARG B 102 26.40 -3.86 -29.16
N HIS B 103 27.71 -3.95 -28.88
CA HIS B 103 28.77 -2.97 -29.21
C HIS B 103 28.33 -1.50 -29.08
N LEU B 104 27.55 -1.17 -28.04
CA LEU B 104 27.07 0.18 -27.83
C LEU B 104 28.26 1.13 -27.59
N PRO B 105 28.29 2.29 -28.26
CA PRO B 105 29.42 3.22 -28.06
C PRO B 105 29.50 3.70 -26.61
N ALA B 106 30.72 3.81 -26.08
CA ALA B 106 30.92 4.24 -24.70
C ALA B 106 30.47 5.70 -24.53
N GLY B 107 29.78 5.98 -23.45
CA GLY B 107 29.26 7.33 -23.20
C GLY B 107 27.86 7.54 -23.77
N GLU B 108 27.41 6.63 -24.65
CA GLU B 108 26.09 6.70 -25.26
C GLU B 108 25.03 6.17 -24.32
N ARG B 109 24.06 7.04 -23.98
CA ARG B 109 22.94 6.71 -23.11
C ARG B 109 21.71 6.45 -23.98
N ARG B 110 20.93 5.46 -23.62
CA ARG B 110 19.76 5.07 -24.38
C ARG B 110 18.53 4.91 -23.49
N PRO B 111 17.31 4.91 -24.06
CA PRO B 111 16.12 4.69 -23.23
C PRO B 111 16.16 3.32 -22.53
N GLY B 112 15.74 3.30 -21.27
CA GLY B 112 15.74 2.09 -20.45
C GLY B 112 14.34 1.60 -20.15
N VAL B 113 14.13 0.30 -20.34
CA VAL B 113 12.83 -0.33 -20.15
C VAL B 113 12.85 -1.37 -19.00
N VAL B 114 11.97 -1.21 -18.01
CA VAL B 114 11.83 -2.15 -16.92
C VAL B 114 10.80 -3.19 -17.36
N LEU B 115 11.16 -4.48 -17.33
CA LEU B 115 10.27 -5.56 -17.72
C LEU B 115 9.65 -6.23 -16.47
N LEU B 116 8.31 -6.26 -16.40
CA LEU B 116 7.59 -6.84 -15.27
C LEU B 116 6.92 -8.18 -15.61
N VAL B 117 7.40 -9.27 -14.99
CA VAL B 117 6.82 -10.60 -15.22
C VAL B 117 5.45 -10.76 -14.51
N GLY B 118 4.69 -11.74 -14.95
CA GLY B 118 3.37 -12.02 -14.44
C GLY B 118 3.37 -12.89 -13.19
N TYR B 119 2.18 -13.34 -12.82
CA TYR B 119 1.84 -14.13 -11.63
C TYR B 119 2.73 -15.36 -11.39
N THR B 120 3.60 -15.30 -10.35
CA THR B 120 4.54 -16.35 -9.94
C THR B 120 5.61 -16.68 -11.00
N TYR B 121 5.66 -15.92 -12.12
CA TYR B 121 6.67 -16.12 -13.18
C TYR B 121 8.06 -15.79 -12.58
N LEU B 122 9.09 -16.34 -13.20
CA LEU B 122 10.46 -16.01 -12.89
C LEU B 122 10.95 -15.04 -14.00
N LYS B 123 12.02 -14.29 -13.72
CA LYS B 123 12.56 -13.30 -14.66
C LYS B 123 13.12 -13.93 -15.96
N THR B 124 13.44 -15.23 -15.93
CA THR B 124 13.94 -15.93 -17.10
C THR B 124 12.82 -16.40 -18.05
N MET B 125 11.57 -16.06 -17.76
CA MET B 125 10.46 -16.53 -18.55
C MET B 125 9.82 -15.43 -19.37
N VAL B 126 9.89 -15.60 -20.71
CA VAL B 126 9.40 -14.70 -21.77
C VAL B 126 10.28 -13.46 -21.93
N MET B 127 10.56 -12.76 -20.82
CA MET B 127 11.30 -11.50 -20.82
C MET B 127 12.69 -11.54 -21.44
N PRO B 128 13.56 -12.58 -21.31
CA PRO B 128 14.83 -12.55 -22.04
C PRO B 128 14.64 -12.47 -23.56
N ASP B 129 13.54 -13.04 -24.09
CA ASP B 129 13.21 -13.00 -25.52
C ASP B 129 12.72 -11.62 -25.93
N ILE B 130 11.91 -10.97 -25.09
CA ILE B 130 11.44 -9.63 -25.36
C ILE B 130 12.62 -8.63 -25.28
N ALA B 131 13.51 -8.82 -24.31
CA ALA B 131 14.70 -7.98 -24.14
C ALA B 131 15.63 -8.08 -25.34
N LYS B 132 15.70 -9.24 -25.99
CA LYS B 132 16.52 -9.43 -27.18
C LYS B 132 16.00 -8.52 -28.31
N VAL B 133 14.67 -8.53 -28.55
CA VAL B 133 13.99 -7.69 -29.55
C VAL B 133 14.24 -6.21 -29.24
N LEU B 134 14.10 -5.85 -27.95
CA LEU B 134 14.31 -4.50 -27.44
C LEU B 134 15.74 -4.03 -27.68
N ASN B 135 16.74 -4.91 -27.46
CA ASN B 135 18.15 -4.60 -27.64
C ASN B 135 18.46 -4.35 -29.13
N ALA B 136 17.81 -5.13 -30.03
CA ALA B 136 17.98 -4.97 -31.48
C ALA B 136 17.41 -3.61 -31.93
N ALA B 137 16.34 -3.14 -31.28
CA ALA B 137 15.79 -1.81 -31.58
C ALA B 137 16.55 -0.64 -30.88
N GLY B 138 17.65 -0.96 -30.19
CA GLY B 138 18.50 0.01 -29.52
C GLY B 138 18.14 0.39 -28.10
N TYR B 139 17.29 -0.42 -27.42
CA TYR B 139 16.88 -0.13 -26.04
C TYR B 139 17.61 -0.96 -25.02
N VAL B 140 17.79 -0.38 -23.83
CA VAL B 140 18.35 -1.10 -22.69
C VAL B 140 17.15 -1.70 -21.91
N ALA B 141 17.21 -2.98 -21.50
CA ALA B 141 16.09 -3.59 -20.78
C ALA B 141 16.54 -4.28 -19.49
N LEU B 142 15.76 -4.14 -18.42
CA LEU B 142 16.08 -4.75 -17.15
C LEU B 142 14.89 -5.60 -16.68
N VAL B 143 15.13 -6.88 -16.38
CA VAL B 143 14.14 -7.76 -15.81
C VAL B 143 14.66 -8.22 -14.43
N PHE B 144 13.77 -8.43 -13.48
CA PHE B 144 14.18 -8.81 -12.13
C PHE B 144 13.12 -9.75 -11.52
N ASP B 145 13.51 -10.46 -10.45
CA ASP B 145 12.56 -11.27 -9.72
C ASP B 145 11.96 -10.42 -8.61
N TYR B 146 10.63 -10.47 -8.44
CA TYR B 146 9.97 -9.76 -7.34
C TYR B 146 10.43 -10.34 -6.01
N ARG B 147 10.29 -9.58 -4.90
CA ARG B 147 10.67 -10.09 -3.58
C ARG B 147 9.91 -11.38 -3.26
N GLY B 148 10.57 -12.35 -2.66
CA GLY B 148 9.97 -13.63 -2.34
C GLY B 148 9.88 -14.63 -3.49
N PHE B 149 10.36 -14.25 -4.68
CA PHE B 149 10.31 -15.12 -5.85
C PHE B 149 11.69 -15.28 -6.51
N GLY B 150 11.90 -16.41 -7.19
CA GLY B 150 13.12 -16.68 -7.92
C GLY B 150 14.37 -16.55 -7.10
N GLU B 151 15.33 -15.74 -7.60
CA GLU B 151 16.58 -15.54 -6.89
C GLU B 151 16.56 -14.35 -5.92
N SER B 152 15.42 -13.66 -5.77
CA SER B 152 15.34 -12.51 -4.89
C SER B 152 15.06 -12.93 -3.45
N GLU B 153 15.49 -12.10 -2.46
CA GLU B 153 15.15 -12.32 -1.07
C GLU B 153 13.69 -11.88 -0.80
N GLY B 154 13.18 -12.21 0.38
CA GLY B 154 11.83 -11.85 0.78
C GLY B 154 11.02 -13.03 1.22
N PRO B 155 9.96 -12.78 2.04
CA PRO B 155 9.06 -13.89 2.49
C PRO B 155 8.59 -14.73 1.29
N ARG B 156 8.94 -16.00 1.28
CA ARG B 156 8.76 -16.87 0.15
C ARG B 156 7.34 -17.01 -0.35
N GLY B 157 7.13 -16.64 -1.61
CA GLY B 157 5.83 -16.76 -2.23
C GLY B 157 4.81 -15.73 -1.79
N ARG B 158 5.19 -14.80 -0.89
CA ARG B 158 4.26 -13.79 -0.42
C ARG B 158 4.09 -12.73 -1.48
N LEU B 159 3.03 -12.89 -2.28
CA LEU B 159 2.73 -11.99 -3.37
C LEU B 159 1.74 -10.92 -2.90
N ILE B 160 2.19 -9.68 -2.80
CA ILE B 160 1.36 -8.55 -2.43
C ILE B 160 1.54 -7.60 -3.61
N PRO B 161 0.49 -7.39 -4.41
CA PRO B 161 0.65 -6.57 -5.62
C PRO B 161 1.35 -5.21 -5.46
N LEU B 162 1.02 -4.42 -4.44
CA LEU B 162 1.65 -3.12 -4.23
C LEU B 162 3.12 -3.23 -3.82
N GLU B 163 3.54 -4.39 -3.27
CA GLU B 163 4.95 -4.63 -3.00
C GLU B 163 5.67 -4.93 -4.32
N GLN B 164 5.02 -5.65 -5.26
CA GLN B 164 5.60 -5.90 -6.57
C GLN B 164 5.73 -4.58 -7.34
N VAL B 165 4.79 -3.61 -7.15
CA VAL B 165 4.85 -2.27 -7.74
C VAL B 165 6.01 -1.48 -7.09
N ALA B 166 6.18 -1.56 -5.75
CA ALA B 166 7.32 -0.93 -5.07
C ALA B 166 8.65 -1.50 -5.59
N ASP B 167 8.73 -2.83 -5.87
CA ASP B 167 9.92 -3.47 -6.45
C ASP B 167 10.23 -2.86 -7.84
N ALA B 168 9.19 -2.67 -8.66
CA ALA B 168 9.30 -2.04 -9.98
C ALA B 168 9.81 -0.59 -9.87
N ARG B 169 9.45 0.13 -8.80
CA ARG B 169 9.92 1.49 -8.60
C ARG B 169 11.37 1.50 -8.15
N ALA B 170 11.80 0.51 -7.37
CA ALA B 170 13.21 0.37 -7.00
C ALA B 170 14.03 -0.01 -8.26
N ALA B 171 13.45 -0.80 -9.17
CA ALA B 171 14.13 -1.19 -10.41
C ALA B 171 14.34 0.04 -11.31
N LEU B 172 13.39 0.99 -11.31
CA LEU B 172 13.48 2.24 -12.06
C LEU B 172 14.63 3.07 -11.48
N THR B 173 14.76 3.14 -10.14
CA THR B 173 15.87 3.86 -9.50
C THR B 173 17.20 3.25 -9.89
N PHE B 174 17.31 1.92 -9.86
CA PHE B 174 18.54 1.23 -10.25
C PHE B 174 18.85 1.49 -11.74
N LEU B 175 17.87 1.27 -12.61
CA LEU B 175 18.06 1.44 -14.05
C LEU B 175 18.49 2.87 -14.40
N ALA B 176 17.90 3.89 -13.76
CA ALA B 176 18.25 5.28 -14.01
C ALA B 176 19.69 5.61 -13.60
N GLU B 177 20.32 4.82 -12.72
CA GLU B 177 21.72 5.01 -12.30
C GLU B 177 22.75 4.31 -13.20
N GLN B 178 22.28 3.57 -14.22
CA GLN B 178 23.19 2.85 -15.10
C GLN B 178 23.81 3.79 -16.13
N SER B 179 25.11 3.65 -16.39
CA SER B 179 25.84 4.55 -17.29
C SER B 179 25.32 4.58 -18.72
N MET B 180 24.76 3.47 -19.20
CA MET B 180 24.26 3.40 -20.56
C MET B 180 22.77 3.81 -20.69
N VAL B 181 22.14 4.30 -19.61
CA VAL B 181 20.71 4.65 -19.68
C VAL B 181 20.48 6.14 -19.50
N ASP B 182 19.49 6.70 -20.23
CA ASP B 182 19.09 8.08 -20.05
C ASP B 182 18.00 8.06 -18.98
N PRO B 183 18.27 8.62 -17.78
CA PRO B 183 17.27 8.59 -16.69
C PRO B 183 15.95 9.30 -16.98
N ASP B 184 15.95 10.19 -17.97
CA ASP B 184 14.74 10.91 -18.36
C ASP B 184 13.93 10.17 -19.45
N ARG B 185 14.41 9.01 -19.95
CA ARG B 185 13.70 8.25 -20.97
C ARG B 185 13.48 6.80 -20.50
N LEU B 186 12.69 6.65 -19.43
CA LEU B 186 12.39 5.35 -18.87
C LEU B 186 10.99 4.89 -19.26
N ALA B 187 10.83 3.61 -19.56
CA ALA B 187 9.55 3.01 -19.90
C ALA B 187 9.37 1.69 -19.11
N VAL B 188 8.13 1.21 -18.99
CA VAL B 188 7.84 -0.06 -18.29
C VAL B 188 6.96 -0.91 -19.20
N ILE B 189 7.27 -2.21 -19.33
CA ILE B 189 6.46 -3.19 -20.07
C ILE B 189 6.14 -4.33 -19.11
N GLY B 190 4.86 -4.67 -18.95
CA GLY B 190 4.49 -5.79 -18.10
C GLY B 190 3.61 -6.81 -18.78
N ILE B 191 3.78 -8.10 -18.41
CA ILE B 191 2.94 -9.17 -18.93
C ILE B 191 1.93 -9.65 -17.89
N SER B 192 0.64 -9.63 -18.26
CA SER B 192 -0.50 -10.09 -17.48
C SER B 192 -0.59 -9.37 -16.10
N LEU B 193 -0.38 -10.03 -14.92
CA LEU B 193 -0.39 -9.33 -13.64
C LEU B 193 0.73 -8.23 -13.63
N GLY B 194 1.84 -8.51 -14.29
CA GLY B 194 2.91 -7.53 -14.45
C GLY B 194 2.48 -6.31 -15.27
N GLY B 195 1.50 -6.49 -16.16
CA GLY B 195 0.90 -5.45 -16.99
C GLY B 195 0.04 -4.52 -16.16
N ALA B 196 -0.67 -5.09 -15.18
CA ALA B 196 -1.43 -4.31 -14.22
C ALA B 196 -0.41 -3.53 -13.34
N HIS B 197 0.75 -4.13 -13.01
CA HIS B 197 1.80 -3.44 -12.25
C HIS B 197 2.42 -2.32 -13.05
N ALA B 198 2.56 -2.49 -14.36
CA ALA B 198 3.12 -1.44 -15.23
C ALA B 198 2.22 -0.20 -15.16
N ILE B 199 0.89 -0.40 -15.23
CA ILE B 199 -0.11 0.65 -15.14
C ILE B 199 -0.04 1.32 -13.77
N THR B 200 -0.02 0.54 -12.67
CA THR B 200 0.08 1.09 -11.32
C THR B 200 1.37 1.88 -11.11
N THR B 201 2.49 1.35 -11.61
CA THR B 201 3.81 1.98 -11.50
C THR B 201 3.80 3.32 -12.25
N ALA B 202 3.26 3.35 -13.49
CA ALA B 202 3.18 4.59 -14.24
C ALA B 202 2.30 5.62 -13.53
N ALA B 203 1.20 5.17 -12.92
CA ALA B 203 0.29 6.06 -12.22
C ALA B 203 0.95 6.72 -11.00
N LEU B 204 1.78 5.98 -10.27
CA LEU B 204 2.41 6.52 -9.06
C LEU B 204 3.77 7.16 -9.29
N ASP B 205 4.38 6.92 -10.47
CA ASP B 205 5.74 7.37 -10.73
C ASP B 205 5.88 8.15 -12.02
N GLN B 206 6.22 9.44 -11.90
CA GLN B 206 6.42 10.32 -13.05
C GLN B 206 7.63 9.99 -13.91
N ARG B 207 8.54 9.11 -13.44
CA ARG B 207 9.71 8.73 -14.24
C ARG B 207 9.35 7.83 -15.43
N VAL B 208 8.23 7.10 -15.35
CA VAL B 208 7.85 6.23 -16.46
C VAL B 208 7.15 7.11 -17.50
N ARG B 209 7.86 7.35 -18.61
CA ARG B 209 7.44 8.19 -19.71
C ARG B 209 6.46 7.51 -20.66
N ALA B 210 6.46 6.17 -20.69
CA ALA B 210 5.58 5.36 -21.54
C ALA B 210 5.39 3.99 -20.91
N VAL B 211 4.21 3.39 -21.09
CA VAL B 211 3.94 2.10 -20.46
C VAL B 211 3.17 1.16 -21.38
N VAL B 212 3.60 -0.12 -21.40
CA VAL B 212 2.93 -1.16 -22.17
C VAL B 212 2.41 -2.21 -21.20
N ALA B 213 1.12 -2.48 -21.28
CA ALA B 213 0.47 -3.47 -20.45
C ALA B 213 -0.09 -4.56 -21.35
N LEU B 214 0.48 -5.76 -21.30
CA LEU B 214 -0.02 -6.88 -22.08
C LEU B 214 -0.98 -7.73 -21.22
N GLU B 215 -2.20 -8.05 -21.72
CA GLU B 215 -3.21 -8.88 -21.04
C GLU B 215 -3.41 -8.50 -19.54
N PRO B 216 -3.67 -7.22 -19.20
CA PRO B 216 -3.75 -6.87 -17.78
C PRO B 216 -5.11 -7.00 -17.11
N PRO B 217 -5.11 -7.56 -15.89
CA PRO B 217 -6.34 -7.55 -15.11
C PRO B 217 -6.57 -6.11 -14.60
N GLY B 218 -7.73 -5.55 -14.88
CA GLY B 218 -8.04 -4.20 -14.42
C GLY B 218 -8.59 -4.16 -13.01
N HIS B 219 -9.29 -5.23 -12.62
CA HIS B 219 -9.92 -5.32 -11.31
C HIS B 219 -9.67 -6.73 -10.83
N GLY B 220 -8.88 -6.86 -9.77
CA GLY B 220 -8.50 -8.16 -9.22
C GLY B 220 -9.67 -9.07 -8.87
N ALA B 221 -10.66 -8.55 -8.14
CA ALA B 221 -11.84 -9.33 -7.74
C ALA B 221 -12.66 -9.79 -8.96
N ARG B 222 -12.91 -8.89 -9.91
CA ARG B 222 -13.64 -9.22 -11.12
C ARG B 222 -12.91 -10.27 -11.94
N TRP B 223 -11.58 -10.13 -12.06
CA TRP B 223 -10.76 -11.09 -12.80
C TRP B 223 -10.80 -12.49 -12.17
N LEU B 224 -10.54 -12.61 -10.88
CA LEU B 224 -10.55 -13.89 -10.20
C LEU B 224 -11.97 -14.49 -10.13
N ARG B 225 -12.98 -13.64 -10.02
CA ARG B 225 -14.41 -14.01 -10.00
C ARG B 225 -14.76 -14.73 -11.32
N SER B 226 -14.31 -14.16 -12.44
CA SER B 226 -14.58 -14.72 -13.77
C SER B 226 -13.97 -16.09 -14.05
N LEU B 227 -13.00 -16.50 -13.27
CA LEU B 227 -12.36 -17.81 -13.41
C LEU B 227 -13.12 -18.93 -12.67
N ARG B 228 -14.16 -18.59 -11.92
CA ARG B 228 -14.92 -19.55 -11.15
C ARG B 228 -16.41 -19.50 -11.46
N ARG B 229 -17.13 -20.59 -11.14
CA ARG B 229 -18.60 -20.58 -11.22
C ARG B 229 -19.02 -19.76 -9.96
N HIS B 230 -20.20 -19.13 -9.98
CA HIS B 230 -20.60 -18.29 -8.84
C HIS B 230 -20.49 -18.97 -7.47
N TRP B 231 -20.94 -20.23 -7.37
CA TRP B 231 -20.87 -20.94 -6.10
C TRP B 231 -19.43 -21.17 -5.63
N GLU B 232 -18.52 -21.36 -6.58
CA GLU B 232 -17.11 -21.57 -6.26
C GLU B 232 -16.48 -20.29 -5.73
N TRP B 233 -16.92 -19.13 -6.26
CA TRP B 233 -16.42 -17.84 -5.86
C TRP B 233 -16.83 -17.49 -4.44
N ARG B 234 -18.10 -17.70 -4.12
CA ARG B 234 -18.63 -17.44 -2.80
C ARG B 234 -17.93 -18.30 -1.74
N GLN B 235 -17.69 -19.57 -2.10
CA GLN B 235 -17.00 -20.53 -1.25
C GLN B 235 -15.52 -20.10 -1.05
N PHE B 236 -14.87 -19.56 -2.09
CA PHE B 236 -13.49 -19.08 -2.06
C PHE B 236 -13.40 -17.86 -1.15
N LEU B 237 -14.35 -16.95 -1.26
CA LEU B 237 -14.45 -15.75 -0.44
C LEU B 237 -14.60 -16.12 1.05
N SER B 238 -15.42 -17.14 1.37
CA SER B 238 -15.57 -17.60 2.75
C SER B 238 -14.25 -18.22 3.25
N ARG B 239 -13.54 -18.93 2.39
CA ARG B 239 -12.25 -19.54 2.77
C ARG B 239 -11.24 -18.41 3.15
N LEU B 240 -11.27 -17.32 2.41
CA LEU B 240 -10.44 -16.13 2.60
C LEU B 240 -10.78 -15.41 3.89
N ALA B 241 -12.08 -15.28 4.25
CA ALA B 241 -12.52 -14.65 5.49
C ALA B 241 -12.05 -15.48 6.70
N GLU B 242 -12.12 -16.82 6.57
CA GLU B 242 -11.64 -17.70 7.62
C GLU B 242 -10.10 -17.59 7.78
N ASP B 243 -9.36 -17.42 6.66
CA ASP B 243 -7.91 -17.26 6.70
C ASP B 243 -7.51 -15.90 7.28
N ARG B 244 -8.30 -14.85 7.00
CA ARG B 244 -8.08 -13.52 7.57
C ARG B 244 -8.22 -13.62 9.11
N ARG B 245 -9.22 -14.36 9.60
CA ARG B 245 -9.41 -14.58 11.02
C ARG B 245 -8.21 -15.31 11.65
N GLN B 246 -7.75 -16.41 11.02
CA GLN B 246 -6.65 -17.22 11.52
C GLN B 246 -5.30 -16.49 11.52
N ARG B 247 -5.01 -15.71 10.48
CA ARG B 247 -3.71 -15.05 10.46
C ARG B 247 -3.66 -13.88 11.45
N VAL B 248 -4.80 -13.24 11.77
CA VAL B 248 -4.81 -12.14 12.73
C VAL B 248 -4.71 -12.71 14.15
N LEU B 249 -5.44 -13.77 14.42
CA LEU B 249 -5.44 -14.40 15.73
C LEU B 249 -4.17 -15.20 16.04
N SER B 250 -3.57 -15.93 15.05
CA SER B 250 -2.43 -16.82 15.32
C SER B 250 -1.14 -16.57 14.52
N GLY B 251 -1.18 -15.75 13.48
CA GLY B 251 0.04 -15.36 12.78
C GLY B 251 0.38 -15.88 11.42
N GLY B 252 -0.10 -17.06 11.07
CA GLY B 252 0.25 -17.64 9.77
C GLY B 252 -0.91 -17.77 8.83
N SER B 253 -0.63 -17.59 7.54
CA SER B 253 -1.63 -17.73 6.49
C SER B 253 -1.48 -19.16 5.88
N THR B 254 -2.58 -19.74 5.41
CA THR B 254 -2.55 -21.04 4.78
C THR B 254 -1.83 -20.92 3.44
N MET B 255 -0.79 -21.75 3.21
CA MET B 255 -0.02 -21.74 1.97
C MET B 255 -0.68 -22.65 0.95
N VAL B 256 -0.93 -22.14 -0.24
CA VAL B 256 -1.62 -22.90 -1.27
C VAL B 256 -0.85 -22.89 -2.59
N ASP B 257 -1.20 -23.79 -3.49
CA ASP B 257 -0.72 -23.84 -4.86
C ASP B 257 -1.22 -22.53 -5.52
N PRO B 258 -0.36 -21.80 -6.22
CA PRO B 258 -0.84 -20.56 -6.86
C PRO B 258 -2.04 -20.76 -7.80
N LEU B 259 -2.21 -21.97 -8.34
CA LEU B 259 -3.32 -22.25 -9.24
C LEU B 259 -4.64 -22.51 -8.49
N GLU B 260 -4.63 -22.45 -7.14
CA GLU B 260 -5.85 -22.48 -6.32
C GLU B 260 -6.40 -21.03 -6.24
N ILE B 261 -5.57 -19.99 -6.49
CA ILE B 261 -6.02 -18.60 -6.47
C ILE B 261 -6.39 -18.17 -7.91
N VAL B 262 -5.46 -18.36 -8.86
CA VAL B 262 -5.71 -18.06 -10.25
C VAL B 262 -6.03 -19.41 -10.87
N LEU B 263 -7.31 -19.76 -10.84
CA LEU B 263 -7.83 -21.03 -11.29
C LEU B 263 -7.79 -21.09 -12.82
N PRO B 264 -6.93 -21.95 -13.39
CA PRO B 264 -6.76 -21.94 -14.84
C PRO B 264 -7.66 -22.88 -15.63
N ASP B 265 -7.89 -22.51 -16.87
CA ASP B 265 -8.61 -23.37 -17.82
C ASP B 265 -7.69 -24.57 -18.20
N PRO B 266 -8.22 -25.68 -18.76
CA PRO B 266 -7.36 -26.83 -19.08
C PRO B 266 -6.16 -26.52 -20.00
N GLU B 267 -6.30 -25.51 -20.87
CA GLU B 267 -5.29 -25.11 -21.83
C GLU B 267 -4.14 -24.42 -21.10
N SER B 268 -4.47 -23.43 -20.25
CA SER B 268 -3.49 -22.73 -19.43
C SER B 268 -2.82 -23.71 -18.47
N GLN B 269 -3.57 -24.68 -17.92
CA GLN B 269 -3.00 -25.70 -17.05
C GLN B 269 -1.91 -26.50 -17.77
N ALA B 270 -2.18 -26.91 -19.02
CA ALA B 270 -1.24 -27.68 -19.84
C ALA B 270 0.01 -26.86 -20.16
N PHE B 271 -0.13 -25.57 -20.48
CA PHE B 271 1.00 -24.72 -20.80
C PHE B 271 1.81 -24.42 -19.53
N LEU B 272 1.16 -24.26 -18.37
CA LEU B 272 1.85 -24.02 -17.11
C LEU B 272 2.60 -25.25 -16.65
N ASP B 273 2.05 -26.46 -16.94
CA ASP B 273 2.73 -27.73 -16.65
C ASP B 273 4.00 -27.85 -17.51
N GLN B 274 3.97 -27.35 -18.76
CA GLN B 274 5.11 -27.38 -19.67
C GLN B 274 6.19 -26.40 -19.18
N VAL B 275 5.78 -25.24 -18.66
CA VAL B 275 6.68 -24.25 -18.14
C VAL B 275 7.33 -24.79 -16.87
N ALA B 276 6.56 -25.45 -15.99
CA ALA B 276 7.09 -26.06 -14.78
C ALA B 276 8.04 -27.25 -15.08
N ALA B 277 7.88 -27.96 -16.22
CA ALA B 277 8.79 -29.03 -16.64
C ALA B 277 10.12 -28.46 -17.05
N GLU B 278 10.12 -27.28 -17.65
CA GLU B 278 11.23 -26.55 -18.15
C GLU B 278 11.96 -25.75 -17.04
N PHE B 279 11.23 -25.19 -16.09
CA PHE B 279 11.76 -24.41 -14.98
C PHE B 279 11.13 -24.96 -13.68
N PRO B 280 11.59 -26.13 -13.16
CA PRO B 280 10.93 -26.68 -11.97
C PRO B 280 11.04 -25.83 -10.73
N GLN B 281 12.03 -24.94 -10.65
CA GLN B 281 12.24 -24.03 -9.54
C GLN B 281 11.14 -22.92 -9.45
N MET B 282 10.29 -22.83 -10.45
CA MET B 282 9.15 -21.92 -10.48
C MET B 282 8.03 -22.40 -9.49
N LYS B 283 8.03 -23.69 -9.10
CA LYS B 283 7.11 -24.25 -8.11
C LYS B 283 7.26 -23.51 -6.78
N VAL B 284 6.15 -22.96 -6.31
CA VAL B 284 6.11 -22.13 -5.10
C VAL B 284 4.69 -22.24 -4.52
N THR B 285 4.52 -21.87 -3.27
CA THR B 285 3.21 -21.78 -2.63
C THR B 285 3.02 -20.33 -2.22
N LEU B 286 1.78 -19.89 -2.20
CA LEU B 286 1.42 -18.52 -1.87
C LEU B 286 0.51 -18.54 -0.64
N PRO B 287 0.58 -17.52 0.24
CA PRO B 287 -0.39 -17.48 1.33
C PRO B 287 -1.75 -17.08 0.77
N LEU B 288 -2.84 -17.53 1.40
CA LEU B 288 -4.20 -17.11 0.98
C LEU B 288 -4.35 -15.57 1.04
N GLU B 289 -3.54 -14.91 1.88
CA GLU B 289 -3.43 -13.46 1.99
C GLU B 289 -3.16 -12.81 0.63
N SER B 290 -2.43 -13.50 -0.27
CA SER B 290 -2.16 -13.00 -1.63
C SER B 290 -3.43 -12.89 -2.46
N ALA B 291 -4.39 -13.80 -2.27
CA ALA B 291 -5.68 -13.74 -2.97
C ALA B 291 -6.48 -12.53 -2.51
N GLU B 292 -6.47 -12.25 -1.21
CA GLU B 292 -7.17 -11.10 -0.66
C GLU B 292 -6.56 -9.80 -1.18
N ALA B 293 -5.21 -9.69 -1.19
CA ALA B 293 -4.54 -8.51 -1.72
C ALA B 293 -4.80 -8.33 -3.22
N LEU B 294 -4.88 -9.42 -4.00
CA LEU B 294 -5.19 -9.36 -5.44
C LEU B 294 -6.66 -8.93 -5.64
N ILE B 295 -7.59 -9.36 -4.77
CA ILE B 295 -8.99 -8.96 -4.86
C ILE B 295 -9.13 -7.44 -4.68
N GLU B 296 -8.35 -6.85 -3.77
CA GLU B 296 -8.37 -5.41 -3.52
C GLU B 296 -7.48 -4.61 -4.49
N TYR B 297 -6.89 -5.27 -5.49
CA TYR B 297 -5.94 -4.65 -6.40
C TYR B 297 -6.62 -4.30 -7.69
N VAL B 298 -6.92 -3.01 -7.85
CA VAL B 298 -7.66 -2.53 -9.01
C VAL B 298 -6.81 -1.52 -9.74
N SER B 299 -6.04 -1.95 -10.76
CA SER B 299 -5.20 -1.03 -11.54
C SER B 299 -6.03 -0.01 -12.36
N GLU B 300 -7.32 -0.30 -12.60
CA GLU B 300 -8.30 0.54 -13.30
C GLU B 300 -8.47 1.88 -12.58
N ASP B 301 -8.52 1.84 -11.22
CA ASP B 301 -8.75 3.02 -10.39
C ASP B 301 -7.61 4.04 -10.42
N LEU B 302 -6.42 3.65 -10.94
CA LEU B 302 -5.24 4.49 -11.04
C LEU B 302 -4.88 4.79 -12.50
N ALA B 303 -5.33 3.96 -13.48
CA ALA B 303 -5.01 4.13 -14.89
C ALA B 303 -5.20 5.56 -15.42
N GLY B 304 -6.22 6.26 -14.92
CA GLY B 304 -6.50 7.65 -15.31
C GLY B 304 -5.45 8.67 -14.90
N ARG B 305 -4.59 8.32 -13.92
CA ARG B 305 -3.49 9.15 -13.43
C ARG B 305 -2.28 9.22 -14.34
N ILE B 306 -2.22 8.35 -15.36
CA ILE B 306 -1.08 8.37 -16.29
C ILE B 306 -1.08 9.68 -17.15
N ALA B 307 -2.14 10.52 -17.00
CA ALA B 307 -2.38 11.85 -17.59
C ALA B 307 -2.00 11.91 -19.07
N PRO B 308 -1.08 12.78 -19.59
CA PRO B 308 -0.81 12.75 -21.03
C PRO B 308 0.21 11.68 -21.44
N ARG B 309 0.86 11.00 -20.47
CA ARG B 309 1.83 9.96 -20.80
C ARG B 309 1.10 8.79 -21.45
N PRO B 310 1.66 8.25 -22.54
CA PRO B 310 0.96 7.19 -23.26
C PRO B 310 1.00 5.80 -22.62
N LEU B 311 -0.08 5.06 -22.82
CA LEU B 311 -0.25 3.70 -22.36
C LEU B 311 -0.74 2.83 -23.53
N LEU B 312 -0.06 1.72 -23.80
CA LEU B 312 -0.48 0.78 -24.84
C LEU B 312 -0.98 -0.48 -24.12
N ILE B 313 -2.21 -0.91 -24.41
CA ILE B 313 -2.75 -2.11 -23.81
C ILE B 313 -2.91 -3.14 -24.92
N ILE B 314 -2.15 -4.24 -24.87
CA ILE B 314 -2.22 -5.27 -25.90
C ILE B 314 -2.96 -6.47 -25.34
N HIS B 315 -4.11 -6.82 -25.94
CA HIS B 315 -4.91 -7.95 -25.47
C HIS B 315 -5.65 -8.65 -26.65
N SER B 316 -6.58 -9.59 -26.37
CA SER B 316 -7.33 -10.34 -27.37
C SER B 316 -8.57 -11.03 -26.80
N ASP B 317 -9.53 -11.36 -27.69
CA ASP B 317 -10.75 -12.10 -27.35
C ASP B 317 -10.42 -13.54 -26.96
N ALA B 318 -9.41 -14.13 -27.61
CA ALA B 318 -8.99 -15.52 -27.38
C ALA B 318 -8.48 -15.81 -25.97
N ASP B 319 -8.20 -14.76 -25.17
CA ASP B 319 -7.67 -14.91 -23.81
C ASP B 319 -8.68 -15.49 -22.81
N GLN B 320 -8.42 -16.73 -22.39
CA GLN B 320 -9.23 -17.49 -21.45
C GLN B 320 -8.79 -17.34 -19.97
N LEU B 321 -7.57 -16.81 -19.71
CA LEU B 321 -7.07 -16.64 -18.36
C LEU B 321 -7.36 -15.24 -17.84
N VAL B 322 -7.19 -14.23 -18.68
CA VAL B 322 -7.50 -12.84 -18.35
C VAL B 322 -8.48 -12.37 -19.45
N PRO B 323 -9.79 -12.31 -19.19
CA PRO B 323 -10.74 -11.87 -20.24
C PRO B 323 -10.42 -10.50 -20.85
N VAL B 324 -10.68 -10.31 -22.16
CA VAL B 324 -10.40 -9.01 -22.79
C VAL B 324 -11.24 -7.86 -22.18
N ALA B 325 -12.34 -8.19 -21.49
CA ALA B 325 -13.16 -7.20 -20.81
C ALA B 325 -12.32 -6.42 -19.76
N GLU B 326 -11.26 -7.06 -19.20
CA GLU B 326 -10.33 -6.44 -18.25
C GLU B 326 -9.57 -5.30 -18.91
N ALA B 327 -9.03 -5.56 -20.12
CA ALA B 327 -8.31 -4.56 -20.90
C ALA B 327 -9.24 -3.42 -21.34
N GLN B 328 -10.50 -3.76 -21.68
CA GLN B 328 -11.48 -2.77 -22.10
C GLN B 328 -11.86 -1.87 -20.93
N ALA B 329 -12.02 -2.43 -19.74
CA ALA B 329 -12.35 -1.62 -18.57
C ALA B 329 -11.20 -0.67 -18.18
N ILE B 330 -9.93 -1.07 -18.40
CA ILE B 330 -8.78 -0.20 -18.16
C ILE B 330 -8.76 0.92 -19.19
N ALA B 331 -8.96 0.59 -20.47
CA ALA B 331 -8.96 1.57 -21.55
C ALA B 331 -10.03 2.66 -21.33
N GLU B 332 -11.20 2.31 -20.77
CA GLU B 332 -12.24 3.32 -20.49
C GLU B 332 -11.82 4.27 -19.36
N ARG B 333 -11.18 3.74 -18.30
CA ARG B 333 -10.74 4.53 -17.14
C ARG B 333 -9.59 5.46 -17.50
N ALA B 334 -8.68 4.97 -18.34
CA ALA B 334 -7.56 5.79 -18.82
C ALA B 334 -8.01 6.28 -20.18
N GLY B 335 -8.73 7.40 -20.20
CA GLY B 335 -9.29 7.98 -21.41
C GLY B 335 -8.32 8.12 -22.58
N SER B 336 -8.10 9.39 -23.02
CA SER B 336 -7.20 9.76 -24.12
C SER B 336 -5.74 9.29 -23.84
N SER B 337 -4.88 9.31 -24.88
CA SER B 337 -3.46 8.88 -24.79
C SER B 337 -3.27 7.37 -24.60
N ALA B 338 -4.35 6.62 -24.33
CA ALA B 338 -4.26 5.18 -24.17
C ALA B 338 -4.78 4.46 -25.41
N GLN B 339 -3.95 3.61 -26.00
CA GLN B 339 -4.29 2.84 -27.20
C GLN B 339 -4.54 1.38 -26.84
N LEU B 340 -5.76 0.88 -27.09
CA LEU B 340 -6.06 -0.53 -26.85
C LEU B 340 -5.92 -1.28 -28.17
N GLU B 341 -4.99 -2.23 -28.23
CA GLU B 341 -4.74 -2.99 -29.45
C GLU B 341 -5.15 -4.43 -29.28
N ILE B 342 -6.12 -4.87 -30.09
CA ILE B 342 -6.57 -6.25 -30.05
C ILE B 342 -5.88 -7.02 -31.18
N ILE B 343 -5.23 -8.13 -30.85
CA ILE B 343 -4.56 -8.96 -31.83
C ILE B 343 -5.42 -10.22 -31.97
N PRO B 344 -5.85 -10.55 -33.20
CA PRO B 344 -6.80 -11.67 -33.37
C PRO B 344 -6.27 -13.04 -32.91
N GLY B 345 -5.14 -13.48 -33.47
CA GLY B 345 -4.56 -14.76 -33.08
C GLY B 345 -3.73 -14.61 -31.82
N MET B 346 -4.38 -14.40 -30.64
CA MET B 346 -3.63 -14.21 -29.41
C MET B 346 -4.36 -14.66 -28.14
N SER B 347 -4.02 -15.85 -27.64
CA SER B 347 -4.57 -16.35 -26.39
C SER B 347 -3.66 -15.82 -25.22
N HIS B 348 -3.34 -16.64 -24.19
CA HIS B 348 -2.47 -16.18 -23.12
C HIS B 348 -1.03 -16.66 -23.31
N PHE B 349 -0.84 -17.85 -23.90
CA PHE B 349 0.51 -18.40 -24.08
C PHE B 349 0.89 -18.74 -25.54
N ASN B 350 -0.01 -18.54 -26.53
CA ASN B 350 0.33 -18.93 -27.90
C ASN B 350 1.29 -17.95 -28.61
N TRP B 351 1.54 -16.78 -28.03
CA TRP B 351 2.45 -15.80 -28.60
C TRP B 351 3.85 -15.78 -27.95
N VAL B 352 4.04 -16.48 -26.82
CA VAL B 352 5.28 -16.48 -26.03
C VAL B 352 6.52 -16.98 -26.79
N MET B 353 6.39 -18.02 -27.62
CA MET B 353 7.49 -18.62 -28.39
C MET B 353 8.12 -17.61 -29.37
N PRO B 354 9.43 -17.33 -29.25
CA PRO B 354 10.06 -16.32 -30.12
C PRO B 354 9.93 -16.52 -31.64
N GLY B 355 9.76 -17.75 -32.09
CA GLY B 355 9.63 -18.03 -33.52
C GLY B 355 8.22 -17.93 -34.05
N SER B 356 7.23 -17.86 -33.15
CA SER B 356 5.81 -17.80 -33.50
C SER B 356 5.41 -16.50 -34.20
N PRO B 357 4.31 -16.52 -34.99
CA PRO B 357 3.87 -15.27 -35.64
C PRO B 357 3.27 -14.28 -34.63
N GLY B 358 2.67 -14.79 -33.54
CA GLY B 358 2.13 -13.98 -32.47
C GLY B 358 3.21 -13.21 -31.74
N PHE B 359 4.39 -13.82 -31.57
CA PHE B 359 5.50 -13.14 -30.90
C PHE B 359 5.95 -11.94 -31.69
N THR B 360 6.08 -12.11 -33.01
CA THR B 360 6.52 -11.08 -33.93
C THR B 360 5.50 -9.93 -33.97
N ARG B 361 4.20 -10.24 -34.06
CA ARG B 361 3.14 -9.24 -34.09
C ARG B 361 3.08 -8.43 -32.78
N VAL B 362 3.31 -9.08 -31.63
CA VAL B 362 3.31 -8.43 -30.33
C VAL B 362 4.55 -7.54 -30.16
N THR B 363 5.75 -8.10 -30.40
CA THR B 363 6.98 -7.34 -30.25
C THR B 363 7.06 -6.17 -31.24
N ASP B 364 6.51 -6.33 -32.46
CA ASP B 364 6.47 -5.25 -33.46
C ASP B 364 5.58 -4.11 -32.95
N SER B 365 4.46 -4.45 -32.32
CA SER B 365 3.54 -3.47 -31.78
C SER B 365 4.17 -2.70 -30.60
N ILE B 366 5.01 -3.39 -29.79
CA ILE B 366 5.72 -2.79 -28.67
C ILE B 366 6.79 -1.83 -29.20
N VAL B 367 7.62 -2.30 -30.14
CA VAL B 367 8.71 -1.55 -30.73
C VAL B 367 8.20 -0.29 -31.45
N LYS B 368 7.09 -0.39 -32.19
CA LYS B 368 6.49 0.75 -32.88
C LYS B 368 6.03 1.81 -31.86
N PHE B 369 5.39 1.39 -30.77
CA PHE B 369 4.92 2.28 -29.71
C PHE B 369 6.10 2.97 -29.02
N LEU B 370 7.17 2.23 -28.76
CA LEU B 370 8.36 2.79 -28.11
C LEU B 370 9.10 3.73 -29.07
N ARG B 371 9.10 3.44 -30.37
CA ARG B 371 9.79 4.28 -31.34
C ARG B 371 9.20 5.68 -31.43
N ASN B 372 7.85 5.83 -31.49
CA ASN B 372 7.31 7.19 -31.55
C ASN B 372 6.95 7.78 -30.18
N THR B 373 7.38 7.15 -29.08
CA THR B 373 7.18 7.71 -27.74
C THR B 373 8.54 8.06 -27.13
N LEU B 374 9.48 7.11 -27.18
CA LEU B 374 10.84 7.28 -26.68
C LEU B 374 11.79 6.93 -27.84
N PRO B 375 11.97 7.84 -28.81
CA PRO B 375 12.84 7.53 -29.94
C PRO B 375 14.29 7.36 -29.52
N VAL B 376 14.95 6.30 -30.00
CA VAL B 376 16.33 5.99 -29.63
C VAL B 376 17.32 6.90 -30.33
#